data_3ZMN
#
_entry.id   3ZMN
#
_cell.length_a   107.210
_cell.length_b   107.210
_cell.length_c   233.780
_cell.angle_alpha   90.00
_cell.angle_beta   90.00
_cell.angle_gamma   120.00
#
_symmetry.space_group_name_H-M   'P 61 2 2'
#
loop_
_entity.id
_entity.type
_entity.pdbx_description
1 polymer VP17
2 polymer VP17
3 water water
#
loop_
_entity_poly.entity_id
_entity_poly.type
_entity_poly.pdbx_seq_one_letter_code
_entity_poly.pdbx_strand_id
1 'polypeptide(L)'
;MGVFDRIRGALGRGLDVFRGDLPQVQPPAPQPAPAPAITPAAVQVGGWGFAWIDNEDFSPTGLAWRSGEYFALAQMKTPE
TAHFRIAAQERRLRIYLRGQKVVNGRNLSDPDSRTVNLPFLMQTPQGAPTLPSTYHPDVAVWAKVGSTWQPCVITAINYS
TGDVTFTEPAGVTASDGIEIYYVHGDGQFRLRVARDAGGVDDSAATVFNQSFSTMHSVDQNNVETMIAWPQQVELVPGTR
LVLEVFTTQVPMVWNERSGHYIQIAAMGRRIEVLDKGGLQRLAELEARGGL
;
A,B
2 'polypeptide(L)' (UNK)(UNK)(UNK)(UNK)(UNK)(UNK)(UNK)(UNK) C,D
#
# COMPACT_ATOMS: atom_id res chain seq x y z
N ALA A 41 42.31 17.49 15.15
CA ALA A 41 42.40 16.17 14.50
C ALA A 41 43.05 16.26 13.10
N ALA A 42 43.70 15.15 12.66
CA ALA A 42 44.37 15.05 11.36
C ALA A 42 43.49 14.35 10.31
N VAL A 43 43.31 14.99 9.13
CA VAL A 43 42.52 14.43 8.04
C VAL A 43 43.32 14.11 6.75
N GLN A 44 43.29 12.84 6.35
CA GLN A 44 43.95 12.41 5.13
C GLN A 44 42.91 12.12 4.02
N VAL A 45 43.05 12.79 2.85
CA VAL A 45 42.18 12.59 1.68
C VAL A 45 42.90 11.81 0.57
N GLY A 46 42.26 10.75 0.09
CA GLY A 46 42.78 9.93 -0.99
C GLY A 46 42.46 10.50 -2.36
N GLY A 47 42.93 9.83 -3.40
CA GLY A 47 42.66 10.22 -4.77
C GLY A 47 41.24 9.90 -5.19
N TRP A 48 40.70 10.72 -6.13
CA TRP A 48 39.38 10.57 -6.71
C TRP A 48 39.33 9.39 -7.67
N GLY A 49 38.23 8.64 -7.64
CA GLY A 49 38.00 7.53 -8.55
C GLY A 49 36.56 7.56 -9.06
N PHE A 50 36.30 7.04 -10.26
CA PHE A 50 34.92 6.94 -10.77
C PHE A 50 34.11 5.99 -9.85
N ALA A 51 32.84 6.32 -9.63
CA ALA A 51 31.95 5.48 -8.84
C ALA A 51 30.54 5.68 -9.33
N TRP A 52 29.82 4.58 -9.46
CA TRP A 52 28.40 4.64 -9.75
C TRP A 52 27.72 4.65 -8.39
N ILE A 53 26.80 5.60 -8.16
CA ILE A 53 25.95 5.57 -6.98
C ILE A 53 24.72 4.81 -7.55
N ASP A 54 24.47 3.59 -7.05
CA ASP A 54 23.39 2.78 -7.58
C ASP A 54 22.39 2.32 -6.54
N ASN A 55 21.32 1.63 -6.97
CA ASN A 55 20.26 1.17 -6.07
C ASN A 55 20.75 0.27 -4.93
N GLU A 56 21.82 -0.51 -5.17
CA GLU A 56 22.44 -1.39 -4.16
C GLU A 56 23.11 -0.62 -3.04
N ASP A 57 23.43 0.67 -3.27
CA ASP A 57 23.99 1.54 -2.24
C ASP A 57 22.89 2.09 -1.32
N PHE A 58 21.62 1.96 -1.73
CA PHE A 58 20.49 2.41 -0.93
C PHE A 58 19.94 1.26 -0.10
N SER A 59 19.49 1.61 1.12
CA SER A 59 18.89 0.71 2.07
C SER A 59 17.44 1.17 2.32
N PRO A 60 16.47 0.25 2.50
CA PRO A 60 15.09 0.71 2.82
C PRO A 60 15.03 1.39 4.19
N THR A 61 14.17 2.41 4.33
CA THR A 61 14.00 3.08 5.63
C THR A 61 12.99 2.28 6.48
N GLY A 62 12.16 1.49 5.82
CA GLY A 62 11.11 0.72 6.47
C GLY A 62 9.81 1.50 6.63
N LEU A 63 9.77 2.77 6.15
CA LEU A 63 8.57 3.58 6.23
C LEU A 63 7.51 3.00 5.33
N ALA A 64 6.28 2.98 5.80
CA ALA A 64 5.14 2.46 5.05
C ALA A 64 4.68 3.54 4.07
N TRP A 65 4.10 3.11 2.96
CA TRP A 65 3.54 4.01 1.97
C TRP A 65 2.33 4.72 2.55
N ARG A 66 2.14 5.97 2.10
CA ARG A 66 0.97 6.78 2.41
CA ARG A 66 1.06 6.89 2.47
C ARG A 66 0.68 7.61 1.18
N SER A 67 -0.58 7.88 0.93
CA SER A 67 -1.01 8.61 -0.25
C SER A 67 -0.81 10.12 -0.16
N GLY A 68 -0.43 10.73 -1.29
CA GLY A 68 -0.32 12.18 -1.47
C GLY A 68 0.54 12.96 -0.53
N GLU A 69 1.71 12.42 -0.20
CA GLU A 69 2.65 13.02 0.71
C GLU A 69 4.01 12.38 0.53
N TYR A 70 5.06 13.19 0.52
CA TYR A 70 6.45 12.74 0.45
C TYR A 70 6.83 11.96 1.69
N PHE A 71 7.56 10.85 1.51
CA PHE A 71 8.10 10.07 2.64
C PHE A 71 9.38 9.41 2.16
N ALA A 72 10.34 9.27 3.08
CA ALA A 72 11.63 8.64 2.82
C ALA A 72 11.41 7.15 2.63
N LEU A 73 11.69 6.68 1.39
CA LEU A 73 11.53 5.28 0.97
C LEU A 73 12.81 4.48 1.19
N ALA A 74 13.94 5.08 0.80
CA ALA A 74 15.26 4.48 0.86
C ALA A 74 16.30 5.56 1.10
N GLN A 75 17.49 5.13 1.51
CA GLN A 75 18.53 6.07 1.90
C GLN A 75 19.90 5.51 1.62
N MET A 76 20.79 6.38 1.19
CA MET A 76 22.19 6.01 1.00
C MET A 76 22.99 6.75 2.10
N LYS A 77 23.45 6.02 3.10
CA LYS A 77 24.23 6.65 4.15
C LYS A 77 25.69 6.63 3.75
N THR A 78 26.30 7.81 3.67
CA THR A 78 27.70 7.94 3.27
C THR A 78 28.60 7.27 4.30
N PRO A 79 29.47 6.33 3.89
CA PRO A 79 30.39 5.71 4.86
C PRO A 79 31.29 6.74 5.55
N GLU A 80 31.68 6.45 6.80
CA GLU A 80 32.55 7.31 7.61
C GLU A 80 33.89 7.63 6.95
N THR A 81 34.35 6.75 6.05
CA THR A 81 35.63 6.92 5.37
C THR A 81 35.46 7.28 3.87
N ALA A 82 34.30 7.84 3.50
CA ALA A 82 34.07 8.17 2.09
C ALA A 82 33.56 9.56 1.87
N HIS A 83 33.92 10.12 0.71
CA HIS A 83 33.41 11.38 0.21
C HIS A 83 33.01 11.13 -1.25
N PHE A 84 31.72 11.37 -1.58
CA PHE A 84 31.19 11.24 -2.94
C PHE A 84 30.83 12.61 -3.50
N ARG A 85 30.99 12.79 -4.81
CA ARG A 85 30.69 14.03 -5.49
C ARG A 85 29.94 13.75 -6.78
N ILE A 86 28.79 14.40 -6.95
CA ILE A 86 27.98 14.33 -8.16
C ILE A 86 28.14 15.69 -8.82
N ALA A 87 28.56 15.71 -10.09
CA ALA A 87 28.82 16.93 -10.85
C ALA A 87 27.58 17.70 -11.22
N ALA A 88 27.74 19.03 -11.38
CA ALA A 88 26.68 19.91 -11.86
C ALA A 88 26.46 19.53 -13.33
N GLN A 89 25.18 19.46 -13.76
CA GLN A 89 24.80 19.10 -15.14
C GLN A 89 25.09 17.65 -15.55
N GLU A 90 25.31 16.75 -14.56
CA GLU A 90 25.53 15.32 -14.77
C GLU A 90 24.32 14.72 -15.54
N ARG A 91 24.59 14.05 -16.68
CA ARG A 91 23.59 13.42 -17.55
C ARG A 91 23.67 11.89 -17.56
N ARG A 92 24.77 11.29 -17.03
CA ARG A 92 24.93 9.82 -16.92
C ARG A 92 24.13 9.44 -15.68
N LEU A 93 22.83 9.36 -15.88
CA LEU A 93 21.86 9.20 -14.81
C LEU A 93 20.69 8.38 -15.34
N ARG A 94 20.35 7.31 -14.63
CA ARG A 94 19.20 6.45 -14.96
C ARG A 94 18.44 6.07 -13.71
N ILE A 95 17.14 6.40 -13.71
CA ILE A 95 16.24 6.13 -12.59
C ILE A 95 14.92 5.50 -13.04
N TYR A 96 14.66 4.26 -12.60
CA TYR A 96 13.42 3.54 -12.89
C TYR A 96 12.90 2.92 -11.61
N LEU A 97 11.93 3.60 -11.01
CA LEU A 97 11.33 3.21 -9.74
C LEU A 97 10.01 2.49 -9.93
N ARG A 98 9.77 1.51 -9.06
CA ARG A 98 8.65 0.60 -9.18
C ARG A 98 7.54 0.77 -8.18
N GLY A 99 6.32 0.60 -8.67
CA GLY A 99 5.12 0.58 -7.87
C GLY A 99 4.81 -0.85 -7.50
N GLN A 100 3.92 -1.09 -6.54
CA GLN A 100 3.61 -2.46 -6.13
C GLN A 100 2.12 -2.74 -6.13
N LYS A 101 1.74 -3.94 -6.60
CA LYS A 101 0.38 -4.46 -6.49
C LYS A 101 0.48 -5.87 -5.96
N VAL A 102 -0.29 -6.18 -4.90
CA VAL A 102 -0.27 -7.47 -4.23
C VAL A 102 -1.64 -8.14 -4.36
N VAL A 103 -1.65 -9.34 -4.99
CA VAL A 103 -2.86 -10.11 -5.24
C VAL A 103 -2.80 -11.50 -4.57
N ASN A 104 -3.96 -12.15 -4.45
CA ASN A 104 -4.07 -13.46 -3.82
C ASN A 104 -3.74 -14.59 -4.78
N GLY A 105 -3.24 -15.69 -4.21
CA GLY A 105 -3.01 -16.91 -4.97
C GLY A 105 -4.33 -17.66 -5.10
N ARG A 106 -4.50 -18.44 -6.18
CA ARG A 106 -5.74 -19.20 -6.40
C ARG A 106 -5.60 -20.66 -6.01
N ASN A 107 -4.45 -21.04 -5.43
CA ASN A 107 -4.12 -22.41 -5.02
C ASN A 107 -4.43 -23.41 -6.15
N LEU A 108 -3.91 -23.11 -7.35
CA LEU A 108 -4.10 -23.91 -8.57
C LEU A 108 -3.46 -25.28 -8.43
N SER A 109 -4.02 -26.28 -9.10
CA SER A 109 -3.46 -27.64 -9.10
C SER A 109 -2.36 -27.72 -10.16
N ASP A 110 -2.46 -26.87 -11.20
CA ASP A 110 -1.54 -26.78 -12.33
C ASP A 110 -1.28 -25.31 -12.68
N PRO A 111 -0.12 -24.93 -13.26
CA PRO A 111 0.07 -23.51 -13.65
C PRO A 111 -0.99 -23.02 -14.61
N ASP A 112 -1.39 -21.75 -14.48
CA ASP A 112 -2.40 -21.14 -15.35
C ASP A 112 -2.20 -19.66 -15.45
N SER A 113 -2.65 -19.07 -16.57
CA SER A 113 -2.58 -17.63 -16.82
C SER A 113 -3.39 -16.86 -15.78
N ARG A 114 -2.85 -15.71 -15.36
CA ARG A 114 -3.49 -14.80 -14.43
C ARG A 114 -3.31 -13.39 -14.99
N THR A 115 -4.43 -12.63 -15.12
CA THR A 115 -4.45 -11.25 -15.60
C THR A 115 -4.73 -10.28 -14.44
N VAL A 116 -3.83 -9.35 -14.20
CA VAL A 116 -3.96 -8.34 -13.15
C VAL A 116 -3.83 -6.94 -13.81
N ASN A 117 -4.68 -5.98 -13.42
CA ASN A 117 -4.58 -4.60 -13.91
C ASN A 117 -3.63 -3.78 -13.00
N LEU A 118 -2.68 -3.04 -13.59
CA LEU A 118 -1.66 -2.28 -12.88
C LEU A 118 -1.86 -0.77 -13.07
N PRO A 119 -2.48 -0.07 -12.10
CA PRO A 119 -2.73 1.37 -12.29
C PRO A 119 -1.45 2.19 -12.53
N PHE A 120 -1.48 3.04 -13.56
CA PHE A 120 -0.39 3.96 -13.94
C PHE A 120 0.83 3.28 -14.53
N LEU A 121 0.72 1.99 -14.92
CA LEU A 121 1.77 1.24 -15.60
C LEU A 121 2.23 2.06 -16.80
N MET A 122 3.56 2.09 -17.01
CA MET A 122 4.23 2.88 -18.02
C MET A 122 5.26 2.06 -18.77
N GLN A 123 5.44 2.33 -20.08
CA GLN A 123 6.52 1.73 -20.86
C GLN A 123 7.74 2.66 -20.78
N THR A 124 8.93 2.09 -20.56
CA THR A 124 10.17 2.86 -20.52
C THR A 124 10.91 2.63 -21.85
N PRO A 125 11.83 3.55 -22.28
CA PRO A 125 12.58 3.30 -23.52
C PRO A 125 13.68 2.23 -23.38
N GLN A 126 13.74 1.53 -22.24
CA GLN A 126 14.71 0.47 -21.97
C GLN A 126 14.49 -0.76 -22.87
N GLY A 127 15.60 -1.36 -23.30
CA GLY A 127 15.59 -2.58 -24.09
C GLY A 127 14.83 -3.66 -23.36
N ALA A 128 13.78 -4.19 -24.01
CA ALA A 128 12.92 -5.21 -23.42
C ALA A 128 13.07 -6.53 -24.16
N PRO A 129 13.18 -7.67 -23.44
CA PRO A 129 13.21 -8.95 -24.15
C PRO A 129 11.81 -9.27 -24.69
N THR A 130 11.73 -10.16 -25.67
CA THR A 130 10.47 -10.58 -26.25
C THR A 130 9.73 -11.46 -25.23
N LEU A 131 8.41 -11.33 -25.17
CA LEU A 131 7.59 -12.15 -24.28
C LEU A 131 7.34 -13.55 -24.93
N PRO A 132 7.23 -14.66 -24.16
CA PRO A 132 7.28 -14.79 -22.70
C PRO A 132 8.66 -14.59 -22.09
N SER A 133 8.71 -14.04 -20.87
CA SER A 133 9.96 -13.76 -20.19
C SER A 133 9.73 -13.59 -18.69
N THR A 134 10.74 -13.94 -17.85
CA THR A 134 10.69 -13.67 -16.39
C THR A 134 11.39 -12.37 -16.12
N TYR A 135 12.28 -11.97 -17.02
CA TYR A 135 12.89 -10.68 -16.92
C TYR A 135 12.21 -9.77 -17.92
N HIS A 136 11.81 -8.64 -17.44
CA HIS A 136 11.29 -7.53 -18.22
C HIS A 136 11.67 -6.25 -17.45
N PRO A 137 12.16 -5.18 -18.11
CA PRO A 137 12.54 -3.98 -17.36
C PRO A 137 11.39 -3.22 -16.69
N ASP A 138 10.16 -3.33 -17.24
CA ASP A 138 9.01 -2.58 -16.73
C ASP A 138 8.16 -3.29 -15.70
N VAL A 139 8.15 -4.63 -15.69
CA VAL A 139 7.29 -5.44 -14.81
C VAL A 139 8.08 -6.66 -14.31
N ALA A 140 7.89 -7.03 -13.04
CA ALA A 140 8.45 -8.22 -12.40
C ALA A 140 7.33 -8.82 -11.54
N VAL A 141 7.01 -10.11 -11.75
CA VAL A 141 5.96 -10.79 -10.98
C VAL A 141 6.61 -11.90 -10.11
N TRP A 142 6.28 -11.93 -8.82
CA TRP A 142 6.78 -12.90 -7.84
C TRP A 142 5.61 -13.65 -7.17
N ALA A 143 5.72 -14.97 -6.99
CA ALA A 143 4.71 -15.79 -6.33
C ALA A 143 5.33 -16.60 -5.21
N LYS A 144 4.63 -16.67 -4.07
CA LYS A 144 5.09 -17.43 -2.92
C LYS A 144 4.45 -18.82 -2.91
N VAL A 145 5.30 -19.85 -3.07
CA VAL A 145 4.90 -21.26 -3.07
C VAL A 145 5.55 -21.86 -1.81
N GLY A 146 4.71 -22.14 -0.81
CA GLY A 146 5.18 -22.58 0.50
C GLY A 146 5.83 -21.42 1.21
N SER A 147 7.15 -21.52 1.45
CA SER A 147 7.94 -20.46 2.09
C SER A 147 8.84 -19.72 1.09
N THR A 148 8.90 -20.21 -0.16
CA THR A 148 9.81 -19.68 -1.20
C THR A 148 9.20 -18.83 -2.30
N TRP A 149 9.82 -17.64 -2.55
CA TRP A 149 9.40 -16.73 -3.61
C TRP A 149 10.09 -17.11 -4.91
N GLN A 150 9.35 -17.05 -6.03
CA GLN A 150 9.87 -17.37 -7.35
C GLN A 150 9.38 -16.38 -8.42
N PRO A 151 10.21 -16.02 -9.44
CA PRO A 151 9.72 -15.13 -10.50
C PRO A 151 8.70 -15.85 -11.37
N CYS A 152 7.71 -15.12 -11.90
CA CYS A 152 6.70 -15.69 -12.78
C CYS A 152 6.96 -15.25 -14.20
N VAL A 153 6.52 -16.08 -15.16
CA VAL A 153 6.65 -15.84 -16.59
C VAL A 153 5.59 -14.85 -17.01
N ILE A 154 6.01 -13.70 -17.57
CA ILE A 154 5.09 -12.69 -18.10
C ILE A 154 4.82 -13.07 -19.55
N THR A 155 3.54 -13.19 -19.93
CA THR A 155 3.15 -13.58 -21.29
C THR A 155 2.54 -12.43 -22.12
N ALA A 156 2.04 -11.38 -21.45
CA ALA A 156 1.42 -10.22 -22.11
C ALA A 156 1.50 -9.02 -21.21
N ILE A 157 1.76 -7.85 -21.80
CA ILE A 157 1.80 -6.53 -21.16
C ILE A 157 1.03 -5.58 -22.04
N ASN A 158 -0.10 -5.08 -21.54
CA ASN A 158 -0.89 -4.12 -22.28
C ASN A 158 -0.73 -2.76 -21.60
N TYR A 159 0.11 -1.90 -22.20
CA TYR A 159 0.40 -0.54 -21.67
C TYR A 159 -0.78 0.40 -21.82
N SER A 160 -1.67 0.13 -22.80
CA SER A 160 -2.85 0.96 -23.04
C SER A 160 -3.88 0.81 -21.87
N THR A 161 -4.15 -0.42 -21.42
CA THR A 161 -5.12 -0.69 -20.36
C THR A 161 -4.50 -0.91 -18.96
N GLY A 162 -3.22 -1.27 -18.90
CA GLY A 162 -2.55 -1.58 -17.64
C GLY A 162 -2.62 -3.04 -17.27
N ASP A 163 -3.23 -3.89 -18.11
CA ASP A 163 -3.33 -5.35 -17.88
C ASP A 163 -2.04 -6.06 -18.17
N VAL A 164 -1.63 -6.92 -17.23
CA VAL A 164 -0.45 -7.76 -17.38
C VAL A 164 -0.92 -9.18 -17.16
N THR A 165 -0.50 -10.09 -18.03
CA THR A 165 -0.82 -11.52 -17.93
C THR A 165 0.47 -12.27 -17.64
N PHE A 166 0.43 -13.17 -16.66
CA PHE A 166 1.56 -13.99 -16.24
C PHE A 166 1.07 -15.40 -15.89
N THR A 167 1.99 -16.36 -15.87
CA THR A 167 1.59 -17.72 -15.50
C THR A 167 1.74 -17.89 -14.01
N GLU A 168 0.62 -18.08 -13.32
CA GLU A 168 0.62 -18.28 -11.89
C GLU A 168 1.03 -19.75 -11.62
N PRO A 169 2.06 -20.01 -10.78
CA PRO A 169 2.40 -21.43 -10.53
C PRO A 169 1.37 -22.10 -9.63
N ALA A 170 1.40 -23.44 -9.61
CA ALA A 170 0.49 -24.26 -8.80
C ALA A 170 0.77 -24.04 -7.31
N GLY A 171 -0.27 -24.14 -6.50
CA GLY A 171 -0.14 -24.04 -5.04
C GLY A 171 0.24 -22.70 -4.42
N VAL A 172 -0.22 -21.57 -4.99
CA VAL A 172 0.01 -20.27 -4.36
C VAL A 172 -1.20 -20.14 -3.45
N THR A 173 -1.01 -20.30 -2.13
CA THR A 173 -2.11 -20.31 -1.14
C THR A 173 -2.36 -18.97 -0.45
N ALA A 174 -1.33 -18.16 -0.25
CA ALA A 174 -1.45 -16.94 0.52
C ALA A 174 -2.29 -15.85 -0.15
N SER A 175 -3.07 -15.13 0.68
CA SER A 175 -3.93 -14.01 0.28
C SER A 175 -3.09 -12.85 -0.26
N ASP A 176 -1.79 -12.82 0.08
CA ASP A 176 -0.83 -11.81 -0.37
C ASP A 176 0.38 -12.48 -1.06
N GLY A 177 0.15 -13.68 -1.61
CA GLY A 177 1.17 -14.53 -2.22
C GLY A 177 1.71 -14.14 -3.58
N ILE A 178 1.12 -13.11 -4.23
CA ILE A 178 1.59 -12.65 -5.54
C ILE A 178 1.88 -11.15 -5.47
N GLU A 179 3.13 -10.79 -5.71
CA GLU A 179 3.57 -9.40 -5.72
C GLU A 179 3.99 -9.03 -7.11
N ILE A 180 3.49 -7.89 -7.57
CA ILE A 180 3.83 -7.36 -8.90
C ILE A 180 4.49 -6.01 -8.71
N TYR A 181 5.69 -5.85 -9.25
CA TYR A 181 6.45 -4.61 -9.20
C TYR A 181 6.54 -4.03 -10.59
N TYR A 182 6.16 -2.76 -10.76
CA TYR A 182 6.12 -2.19 -12.11
C TYR A 182 6.44 -0.72 -12.20
N VAL A 183 7.02 -0.32 -13.34
CA VAL A 183 7.35 1.10 -13.59
C VAL A 183 6.01 1.86 -13.84
N HIS A 184 5.80 2.94 -13.11
CA HIS A 184 4.53 3.68 -13.15
C HIS A 184 4.73 5.18 -13.32
N GLY A 185 3.66 5.90 -13.66
CA GLY A 185 3.73 7.35 -13.85
C GLY A 185 2.92 8.18 -12.88
N ASP A 186 2.65 7.65 -11.68
CA ASP A 186 1.88 8.36 -10.64
C ASP A 186 2.76 9.15 -9.65
N GLY A 187 2.77 10.46 -9.77
CA GLY A 187 3.45 11.38 -8.86
C GLY A 187 4.89 11.71 -9.21
N GLN A 188 5.70 11.89 -8.16
CA GLN A 188 7.07 12.35 -8.28
C GLN A 188 7.98 11.83 -7.17
N PHE A 189 9.28 12.08 -7.33
CA PHE A 189 10.26 11.70 -6.30
C PHE A 189 11.27 12.81 -6.20
N ARG A 190 12.03 12.82 -5.09
CA ARG A 190 13.11 13.77 -4.90
C ARG A 190 14.27 13.13 -4.16
N LEU A 191 15.47 13.63 -4.40
CA LEU A 191 16.67 13.22 -3.66
C LEU A 191 17.06 14.38 -2.77
N ARG A 192 17.29 14.10 -1.48
CA ARG A 192 17.66 15.12 -0.50
CA ARG A 192 17.66 15.12 -0.50
C ARG A 192 18.92 14.71 0.24
N VAL A 193 19.71 15.71 0.68
CA VAL A 193 20.90 15.43 1.47
C VAL A 193 20.61 15.82 2.91
N ALA A 194 20.61 14.83 3.79
CA ALA A 194 20.32 15.02 5.21
C ALA A 194 21.61 14.88 6.03
N ARG A 195 21.72 15.68 7.08
CA ARG A 195 22.87 15.68 8.01
C ARG A 195 22.73 14.55 9.07
N ASP A 196 23.49 14.64 10.19
CA ASP A 196 23.57 13.70 11.32
C ASP A 196 23.83 12.21 11.01
N ASP A 202 14.78 20.89 9.85
CA ASP A 202 14.85 19.70 9.01
C ASP A 202 16.29 19.36 8.60
N SER A 203 17.10 20.40 8.25
CA SER A 203 18.49 20.31 7.79
C SER A 203 18.70 19.33 6.60
N ALA A 204 17.71 19.27 5.66
CA ALA A 204 17.73 18.43 4.46
C ALA A 204 17.42 19.23 3.19
N ALA A 205 18.37 19.29 2.28
CA ALA A 205 18.24 20.05 1.04
C ALA A 205 17.88 19.16 -0.16
N THR A 206 16.91 19.60 -1.00
CA THR A 206 16.51 18.90 -2.23
C THR A 206 17.57 19.14 -3.30
N VAL A 207 18.11 18.06 -3.87
CA VAL A 207 19.18 18.15 -4.88
C VAL A 207 18.77 17.62 -6.24
N PHE A 208 17.62 16.94 -6.31
CA PHE A 208 17.08 16.38 -7.54
C PHE A 208 15.60 16.15 -7.34
N ASN A 209 14.77 16.44 -8.35
CA ASN A 209 13.31 16.27 -8.28
C ASN A 209 12.75 16.15 -9.68
N GLN A 210 12.01 15.07 -9.92
CA GLN A 210 11.36 14.84 -11.22
C GLN A 210 10.07 14.13 -11.00
N SER A 211 9.12 14.31 -11.92
CA SER A 211 7.90 13.51 -11.88
C SER A 211 8.29 12.10 -12.44
N PHE A 212 7.57 11.06 -12.04
CA PHE A 212 7.82 9.70 -12.54
C PHE A 212 7.55 9.61 -14.07
N SER A 213 6.50 10.27 -14.59
CA SER A 213 6.19 10.25 -16.03
C SER A 213 7.32 10.78 -16.88
N THR A 214 8.04 11.82 -16.43
CA THR A 214 9.18 12.39 -17.15
C THR A 214 10.42 11.52 -17.00
N MET A 215 10.80 11.18 -15.75
CA MET A 215 11.99 10.39 -15.46
C MET A 215 11.98 9.04 -16.17
N HIS A 216 10.82 8.39 -16.17
CA HIS A 216 10.61 7.06 -16.79
C HIS A 216 10.42 7.04 -18.32
N SER A 217 10.16 8.19 -18.96
CA SER A 217 9.90 8.21 -20.41
C SER A 217 10.99 8.87 -21.24
N VAL A 218 11.71 9.80 -20.65
CA VAL A 218 12.77 10.53 -21.31
C VAL A 218 14.01 9.62 -21.40
N ASP A 219 14.37 9.23 -22.65
CA ASP A 219 15.52 8.41 -23.08
C ASP A 219 16.00 7.26 -22.09
N GLN A 220 17.25 6.68 -22.10
CA GLN A 220 18.51 6.96 -22.80
C GLN A 220 18.50 6.76 -24.32
N ASN A 221 19.64 7.13 -24.98
CA ASN A 221 19.93 7.10 -26.42
C ASN A 221 19.00 7.99 -27.31
N ASN A 222 18.98 9.36 -27.14
CA ASN A 222 19.68 10.26 -26.21
C ASN A 222 19.22 11.74 -26.46
N VAL A 223 19.99 12.71 -25.90
CA VAL A 223 19.89 14.17 -26.01
C VAL A 223 18.49 14.84 -26.11
N GLU A 224 18.44 16.14 -26.53
CA GLU A 224 17.26 17.00 -26.71
C GLU A 224 16.27 17.09 -25.54
N THR A 225 15.75 15.93 -25.06
CA THR A 225 14.80 15.80 -23.97
C THR A 225 15.46 15.50 -22.62
N MET A 226 16.69 14.91 -22.65
CA MET A 226 17.54 14.47 -21.52
C MET A 226 17.43 15.24 -20.19
N ILE A 227 17.55 14.52 -19.06
CA ILE A 227 17.48 15.12 -17.73
C ILE A 227 18.89 15.25 -17.12
N ALA A 228 19.24 16.47 -16.70
CA ALA A 228 20.52 16.77 -16.08
C ALA A 228 20.39 17.03 -14.58
N TRP A 229 21.37 16.54 -13.80
CA TRP A 229 21.48 16.76 -12.36
C TRP A 229 21.79 18.26 -12.18
N PRO A 230 20.99 19.04 -11.44
CA PRO A 230 21.20 20.50 -11.44
C PRO A 230 22.51 21.11 -10.92
N GLN A 231 22.93 20.79 -9.69
CA GLN A 231 24.10 21.43 -9.07
C GLN A 231 25.07 20.41 -8.52
N GLN A 232 26.31 20.84 -8.25
CA GLN A 232 27.35 19.98 -7.65
C GLN A 232 26.92 19.61 -6.24
N VAL A 233 27.06 18.32 -5.91
CA VAL A 233 26.63 17.82 -4.61
C VAL A 233 27.76 17.05 -3.96
N GLU A 234 28.01 17.35 -2.66
CA GLU A 234 29.02 16.74 -1.82
C GLU A 234 28.37 15.79 -0.84
N LEU A 235 28.81 14.53 -0.81
CA LEU A 235 28.32 13.54 0.13
C LEU A 235 29.52 13.14 0.98
N VAL A 236 29.70 13.84 2.10
CA VAL A 236 30.77 13.69 3.08
C VAL A 236 30.32 12.78 4.23
N PRO A 237 31.24 12.24 5.08
CA PRO A 237 30.78 11.39 6.21
C PRO A 237 29.76 12.10 7.08
N GLY A 238 28.73 11.36 7.51
CA GLY A 238 27.64 11.92 8.30
C GLY A 238 26.43 12.32 7.45
N THR A 239 26.58 12.33 6.10
CA THR A 239 25.44 12.71 5.26
C THR A 239 24.70 11.50 4.75
N ARG A 240 23.44 11.72 4.42
CA ARG A 240 22.58 10.68 3.87
C ARG A 240 21.95 11.24 2.61
N LEU A 241 21.98 10.45 1.51
CA LEU A 241 21.29 10.79 0.27
C LEU A 241 19.93 10.05 0.40
N VAL A 242 18.86 10.79 0.67
CA VAL A 242 17.53 10.26 0.94
C VAL A 242 16.64 10.29 -0.30
N LEU A 243 16.02 9.13 -0.61
CA LEU A 243 15.05 9.03 -1.70
C LEU A 243 13.63 9.18 -1.10
N GLU A 244 12.94 10.27 -1.45
CA GLU A 244 11.56 10.49 -1.00
C GLU A 244 10.64 10.37 -2.19
N VAL A 245 9.49 9.72 -2.01
CA VAL A 245 8.52 9.54 -3.10
C VAL A 245 7.17 10.12 -2.71
N PHE A 246 6.42 10.54 -3.71
CA PHE A 246 5.10 11.11 -3.53
C PHE A 246 4.21 10.47 -4.60
N THR A 247 3.29 9.59 -4.22
CA THR A 247 2.30 8.98 -5.14
C THR A 247 0.92 9.08 -4.47
N THR A 248 -0.14 9.00 -5.26
CA THR A 248 -1.49 9.13 -4.73
C THR A 248 -2.20 7.78 -4.69
N GLN A 249 -1.98 6.96 -5.72
CA GLN A 249 -2.70 5.70 -5.85
C GLN A 249 -1.83 4.48 -5.93
N VAL A 250 -0.53 4.66 -6.19
CA VAL A 250 0.38 3.54 -6.39
C VAL A 250 1.31 3.32 -5.20
N PRO A 251 1.11 2.24 -4.42
CA PRO A 251 2.03 1.96 -3.30
C PRO A 251 3.44 1.67 -3.78
N MET A 252 4.43 2.13 -3.01
CA MET A 252 5.85 1.95 -3.26
C MET A 252 6.51 1.43 -2.00
N VAL A 253 7.24 0.33 -2.17
CA VAL A 253 7.98 -0.35 -1.11
C VAL A 253 9.36 -0.58 -1.69
N TRP A 254 10.36 -0.69 -0.81
CA TRP A 254 11.72 -1.00 -1.18
C TRP A 254 12.07 -2.27 -0.42
N ASN A 255 12.23 -3.38 -1.13
CA ASN A 255 12.58 -4.67 -0.53
C ASN A 255 13.47 -5.48 -1.47
N GLU A 256 13.71 -6.77 -1.18
CA GLU A 256 14.56 -7.62 -2.02
C GLU A 256 13.97 -8.02 -3.37
N ARG A 257 12.66 -7.87 -3.56
CA ARG A 257 11.96 -8.22 -4.80
C ARG A 257 11.55 -7.02 -5.65
N SER A 258 11.59 -5.80 -5.09
CA SER A 258 11.11 -4.60 -5.78
C SER A 258 11.78 -4.20 -7.11
N GLY A 259 13.07 -4.51 -7.27
CA GLY A 259 13.83 -4.26 -8.48
C GLY A 259 13.93 -2.81 -8.92
N HIS A 260 14.02 -1.86 -7.97
CA HIS A 260 14.20 -0.43 -8.32
C HIS A 260 15.56 -0.30 -9.02
N TYR A 261 15.68 0.62 -9.96
CA TYR A 261 16.92 0.84 -10.67
C TYR A 261 17.38 2.27 -10.55
N ILE A 262 18.59 2.45 -10.01
CA ILE A 262 19.22 3.76 -9.85
C ILE A 262 20.65 3.63 -10.34
N GLN A 263 21.10 4.57 -11.18
CA GLN A 263 22.48 4.62 -11.64
C GLN A 263 22.87 6.07 -11.90
N ILE A 264 23.68 6.65 -11.00
CA ILE A 264 24.15 8.05 -11.08
C ILE A 264 25.68 8.06 -11.11
N ALA A 265 26.26 8.69 -12.16
CA ALA A 265 27.72 8.85 -12.28
C ALA A 265 28.20 9.79 -11.19
N ALA A 266 29.27 9.38 -10.51
CA ALA A 266 29.86 10.16 -9.43
C ALA A 266 31.36 9.92 -9.35
N MET A 267 31.97 10.61 -8.39
CA MET A 267 33.40 10.56 -8.07
C MET A 267 33.42 10.20 -6.58
N GLY A 268 34.32 9.29 -6.18
CA GLY A 268 34.47 8.91 -4.78
C GLY A 268 35.93 8.93 -4.32
N ARG A 269 36.16 9.21 -3.02
CA ARG A 269 37.50 9.20 -2.43
C ARG A 269 37.48 8.78 -0.98
N ARG A 270 38.62 8.24 -0.51
CA ARG A 270 38.79 7.84 0.89
C ARG A 270 39.12 9.09 1.73
N ILE A 271 38.52 9.18 2.93
CA ILE A 271 38.74 10.23 3.91
C ILE A 271 39.03 9.55 5.25
N GLU A 272 40.21 9.80 5.85
CA GLU A 272 40.59 9.18 7.11
C GLU A 272 40.91 10.22 8.17
N VAL A 273 40.40 10.00 9.41
CA VAL A 273 40.61 10.87 10.56
C VAL A 273 41.41 10.11 11.63
N VAL B 43 -34.52 -30.55 7.20
CA VAL B 43 -33.93 -31.65 7.97
C VAL B 43 -34.22 -31.56 9.47
N GLN B 44 -33.89 -30.42 10.10
CA GLN B 44 -34.09 -30.09 11.53
C GLN B 44 -33.81 -28.59 11.74
N VAL B 45 -34.90 -27.79 11.83
CA VAL B 45 -34.84 -26.34 12.02
C VAL B 45 -35.43 -25.88 13.35
N GLY B 46 -34.69 -25.05 14.07
CA GLY B 46 -35.12 -24.49 15.34
C GLY B 46 -35.95 -23.24 15.17
N GLY B 47 -36.41 -22.68 16.27
CA GLY B 47 -37.18 -21.43 16.27
C GLY B 47 -36.31 -20.21 16.00
N TRP B 48 -36.93 -19.17 15.41
CA TRP B 48 -36.29 -17.90 15.08
C TRP B 48 -36.05 -17.06 16.33
N GLY B 49 -34.87 -16.43 16.38
CA GLY B 49 -34.46 -15.55 17.46
C GLY B 49 -33.74 -14.33 16.92
N PHE B 50 -33.83 -13.17 17.62
CA PHE B 50 -33.14 -11.96 17.19
C PHE B 50 -31.63 -12.20 17.23
N ALA B 51 -30.91 -11.63 16.26
CA ALA B 51 -29.45 -11.70 16.21
C ALA B 51 -28.89 -10.48 15.53
N TRP B 52 -27.82 -9.93 16.09
CA TRP B 52 -27.11 -8.83 15.46
C TRP B 52 -26.01 -9.50 14.64
N ILE B 53 -25.89 -9.13 13.37
CA ILE B 53 -24.74 -9.53 12.56
C ILE B 53 -23.81 -8.32 12.77
N ASP B 54 -22.67 -8.55 13.43
CA ASP B 54 -21.76 -7.43 13.72
C ASP B 54 -20.33 -7.64 13.23
N ASN B 55 -19.46 -6.64 13.40
CA ASN B 55 -18.06 -6.70 12.94
C ASN B 55 -17.27 -7.87 13.51
N GLU B 56 -17.60 -8.31 14.75
CA GLU B 56 -16.96 -9.45 15.42
C GLU B 56 -17.28 -10.79 14.73
N ASP B 57 -18.36 -10.83 13.93
CA ASP B 57 -18.72 -12.01 13.16
C ASP B 57 -17.89 -12.07 11.87
N PHE B 58 -17.21 -10.98 11.50
CA PHE B 58 -16.38 -10.92 10.30
C PHE B 58 -14.93 -11.23 10.64
N SER B 59 -14.27 -11.93 9.73
CA SER B 59 -12.86 -12.29 9.82
C SER B 59 -12.12 -11.62 8.67
N PRO B 60 -10.85 -11.17 8.85
CA PRO B 60 -10.12 -10.58 7.71
C PRO B 60 -9.82 -11.65 6.65
N THR B 61 -9.82 -11.28 5.38
CA THR B 61 -9.48 -12.23 4.29
C THR B 61 -7.96 -12.29 4.13
N GLY B 62 -7.28 -11.22 4.57
CA GLY B 62 -5.84 -11.06 4.42
C GLY B 62 -5.43 -10.48 3.08
N LEU B 63 -6.42 -10.10 2.24
CA LEU B 63 -6.12 -9.49 0.94
C LEU B 63 -5.54 -8.13 1.15
N ALA B 64 -4.53 -7.80 0.34
CA ALA B 64 -3.85 -6.50 0.44
C ALA B 64 -4.69 -5.47 -0.28
N TRP B 65 -4.62 -4.23 0.18
CA TRP B 65 -5.30 -3.13 -0.45
C TRP B 65 -4.69 -2.86 -1.83
N ARG B 66 -5.53 -2.42 -2.77
CA ARG B 66 -5.11 -1.93 -4.08
C ARG B 66 -6.07 -0.82 -4.45
N SER B 67 -5.58 0.13 -5.23
CA SER B 67 -6.35 1.29 -5.62
C SER B 67 -7.35 1.03 -6.75
N GLY B 68 -8.53 1.65 -6.64
CA GLY B 68 -9.56 1.67 -7.68
C GLY B 68 -10.08 0.34 -8.20
N GLU B 69 -10.28 -0.62 -7.29
CA GLU B 69 -10.76 -1.94 -7.64
C GLU B 69 -11.31 -2.60 -6.37
N TYR B 70 -12.50 -3.20 -6.49
CA TYR B 70 -13.15 -3.92 -5.40
C TYR B 70 -12.33 -5.13 -4.99
N PHE B 71 -12.20 -5.37 -3.69
CA PHE B 71 -11.50 -6.55 -3.17
C PHE B 71 -12.16 -6.92 -1.85
N ALA B 72 -12.22 -8.22 -1.56
CA ALA B 72 -12.77 -8.76 -0.33
C ALA B 72 -11.81 -8.41 0.83
N LEU B 73 -12.31 -7.56 1.76
CA LEU B 73 -11.57 -7.09 2.92
C LEU B 73 -11.78 -8.02 4.13
N ALA B 74 -13.03 -8.39 4.35
CA ALA B 74 -13.47 -9.22 5.47
C ALA B 74 -14.64 -10.07 5.02
N GLN B 75 -14.93 -11.11 5.80
CA GLN B 75 -15.96 -12.08 5.44
C GLN B 75 -16.62 -12.68 6.65
N MET B 76 -17.94 -12.86 6.58
CA MET B 76 -18.66 -13.56 7.63
C MET B 76 -19.09 -14.92 7.09
N LYS B 77 -18.41 -15.98 7.53
CA LYS B 77 -18.76 -17.32 7.09
C LYS B 77 -19.86 -17.84 8.01
N THR B 78 -21.03 -18.10 7.42
CA THR B 78 -22.21 -18.61 8.14
C THR B 78 -21.89 -19.96 8.80
N PRO B 79 -22.05 -20.06 10.15
CA PRO B 79 -21.78 -21.34 10.84
C PRO B 79 -22.57 -22.50 10.26
N GLU B 80 -22.00 -23.72 10.32
CA GLU B 80 -22.62 -24.95 9.81
C GLU B 80 -23.99 -25.24 10.42
N THR B 81 -24.26 -24.73 11.63
CA THR B 81 -25.52 -24.97 12.33
C THR B 81 -26.39 -23.69 12.44
N ALA B 82 -26.14 -22.70 11.55
CA ALA B 82 -26.88 -21.44 11.60
C ALA B 82 -27.53 -21.04 10.28
N HIS B 83 -28.66 -20.33 10.39
CA HIS B 83 -29.41 -19.76 9.28
C HIS B 83 -29.74 -18.32 9.69
N PHE B 84 -29.18 -17.34 8.96
CA PHE B 84 -29.45 -15.93 9.21
C PHE B 84 -30.36 -15.35 8.15
N ARG B 85 -31.28 -14.48 8.57
CA ARG B 85 -32.16 -13.78 7.65
C ARG B 85 -32.16 -12.29 7.95
N ILE B 86 -31.89 -11.48 6.92
CA ILE B 86 -31.92 -10.02 7.00
C ILE B 86 -33.15 -9.62 6.21
N ALA B 87 -34.06 -8.87 6.85
CA ALA B 87 -35.33 -8.46 6.24
C ALA B 87 -35.19 -7.41 5.15
N ALA B 88 -36.13 -7.41 4.21
CA ALA B 88 -36.23 -6.40 3.16
C ALA B 88 -36.59 -5.08 3.90
N GLN B 89 -35.96 -3.97 3.49
CA GLN B 89 -36.19 -2.64 4.08
C GLN B 89 -35.71 -2.44 5.53
N GLU B 90 -34.85 -3.36 6.05
CA GLU B 90 -34.25 -3.27 7.40
C GLU B 90 -33.48 -1.93 7.53
N ARG B 91 -33.78 -1.16 8.59
CA ARG B 91 -33.20 0.14 8.88
C ARG B 91 -32.30 0.18 10.12
N ARG B 92 -32.33 -0.89 10.95
CA ARG B 92 -31.48 -1.03 12.15
C ARG B 92 -30.14 -1.56 11.60
N LEU B 93 -29.38 -0.62 11.03
CA LEU B 93 -28.19 -0.84 10.24
C LEU B 93 -27.13 0.28 10.41
N ARG B 94 -25.99 -0.05 11.05
CA ARG B 94 -24.90 0.93 11.31
C ARG B 94 -23.57 0.40 10.81
N ILE B 95 -22.90 1.16 9.94
CA ILE B 95 -21.62 0.79 9.33
C ILE B 95 -20.69 1.99 9.33
N TYR B 96 -19.56 1.86 10.04
CA TYR B 96 -18.50 2.86 10.09
C TYR B 96 -17.17 2.17 9.86
N LEU B 97 -16.68 2.26 8.62
CA LEU B 97 -15.44 1.63 8.19
C LEU B 97 -14.27 2.59 8.19
N ARG B 98 -13.10 2.06 8.55
CA ARG B 98 -11.91 2.88 8.75
C ARG B 98 -10.81 2.71 7.72
N GLY B 99 -10.20 3.85 7.38
CA GLY B 99 -9.04 3.89 6.51
C GLY B 99 -7.79 3.84 7.39
N GLN B 100 -6.62 3.60 6.80
CA GLN B 100 -5.39 3.50 7.60
C GLN B 100 -4.29 4.39 7.07
N LYS B 101 -3.56 5.07 7.97
CA LYS B 101 -2.33 5.82 7.64
C LYS B 101 -1.27 5.38 8.67
N VAL B 102 -0.09 4.98 8.19
CA VAL B 102 1.00 4.49 9.02
C VAL B 102 2.20 5.45 8.92
N VAL B 103 2.66 5.99 10.06
CA VAL B 103 3.79 6.93 10.13
C VAL B 103 4.91 6.40 11.04
N ASN B 104 6.10 6.99 10.94
CA ASN B 104 7.27 6.61 11.72
C ASN B 104 7.27 7.26 13.10
N GLY B 105 7.87 6.57 14.07
CA GLY B 105 8.10 7.13 15.39
C GLY B 105 9.32 8.03 15.34
N ARG B 106 9.36 9.07 16.20
CA ARG B 106 10.50 10.00 16.22
C ARG B 106 11.47 9.70 17.34
N ASN B 107 11.25 8.58 18.08
CA ASN B 107 12.06 8.15 19.22
C ASN B 107 12.31 9.32 20.19
N LEU B 108 11.19 9.98 20.58
CA LEU B 108 11.20 11.13 21.48
C LEU B 108 11.66 10.75 22.87
N SER B 109 12.31 11.69 23.58
CA SER B 109 12.77 11.48 24.95
C SER B 109 11.59 11.71 25.90
N ASP B 110 10.64 12.58 25.49
CA ASP B 110 9.45 12.98 26.23
C ASP B 110 8.24 13.03 25.27
N PRO B 111 6.98 12.84 25.75
CA PRO B 111 5.84 12.95 24.82
C PRO B 111 5.77 14.32 24.15
N ASP B 112 5.34 14.36 22.89
CA ASP B 112 5.20 15.60 22.13
C ASP B 112 4.12 15.48 21.08
N SER B 113 3.50 16.62 20.73
CA SER B 113 2.46 16.72 19.70
C SER B 113 2.99 16.30 18.34
N ARG B 114 2.12 15.66 17.56
CA ARG B 114 2.38 15.20 16.21
C ARG B 114 1.12 15.49 15.39
N THR B 115 1.29 16.22 14.29
CA THR B 115 0.20 16.55 13.35
C THR B 115 0.37 15.75 12.08
N VAL B 116 -0.67 14.99 11.72
CA VAL B 116 -0.65 14.16 10.54
C VAL B 116 -1.94 14.49 9.75
N ASN B 117 -1.80 14.63 8.42
CA ASN B 117 -2.93 14.88 7.57
C ASN B 117 -3.53 13.52 7.15
N LEU B 118 -4.84 13.39 7.26
CA LEU B 118 -5.56 12.14 6.97
C LEU B 118 -6.43 12.29 5.72
N PRO B 119 -5.97 11.82 4.55
CA PRO B 119 -6.77 12.00 3.32
C PRO B 119 -8.18 11.42 3.41
N PHE B 120 -9.18 12.22 3.04
CA PHE B 120 -10.60 11.88 3.03
C PHE B 120 -11.24 11.65 4.39
N LEU B 121 -10.60 12.11 5.47
CA LEU B 121 -11.14 12.08 6.83
C LEU B 121 -12.49 12.77 6.81
N MET B 122 -13.46 12.19 7.50
CA MET B 122 -14.79 12.76 7.56
C MET B 122 -15.40 12.55 8.95
N GLN B 123 -16.30 13.48 9.30
CA GLN B 123 -17.01 13.46 10.57
C GLN B 123 -18.27 12.61 10.43
N THR B 124 -18.58 11.80 11.45
CA THR B 124 -19.80 11.00 11.49
C THR B 124 -20.74 11.66 12.46
N PRO B 125 -22.06 11.36 12.42
CA PRO B 125 -22.98 11.93 13.42
C PRO B 125 -22.88 11.26 14.80
N GLN B 126 -21.94 10.32 15.00
CA GLN B 126 -21.77 9.62 16.28
C GLN B 126 -21.30 10.56 17.40
N GLY B 127 -21.84 10.34 18.60
CA GLY B 127 -21.48 11.09 19.80
C GLY B 127 -19.99 11.01 20.04
N ALA B 128 -19.36 12.18 20.13
CA ALA B 128 -17.93 12.27 20.31
C ALA B 128 -17.57 12.83 21.69
N PRO B 129 -16.59 12.24 22.38
CA PRO B 129 -16.17 12.82 23.67
C PRO B 129 -15.38 14.11 23.40
N THR B 130 -15.26 14.94 24.43
CA THR B 130 -14.52 16.19 24.37
C THR B 130 -13.00 15.86 24.31
N LEU B 131 -12.26 16.61 23.52
CA LEU B 131 -10.81 16.43 23.42
C LEU B 131 -10.11 17.13 24.61
N PRO B 132 -8.97 16.62 25.15
CA PRO B 132 -8.20 15.44 24.73
C PRO B 132 -8.87 14.11 25.07
N SER B 133 -8.68 13.10 24.22
CA SER B 133 -9.30 11.79 24.39
C SER B 133 -8.52 10.71 23.65
N THR B 134 -8.53 9.48 24.18
CA THR B 134 -7.97 8.31 23.50
C THR B 134 -9.15 7.43 22.98
N TYR B 135 -10.41 7.94 22.97
CA TYR B 135 -11.57 7.14 22.56
C TYR B 135 -12.60 7.91 21.68
N HIS B 136 -12.15 8.39 20.50
CA HIS B 136 -12.94 9.16 19.56
C HIS B 136 -13.57 8.22 18.52
N PRO B 137 -14.84 8.42 18.15
CA PRO B 137 -15.45 7.49 17.17
C PRO B 137 -14.90 7.57 15.74
N ASP B 138 -14.36 8.74 15.34
CA ASP B 138 -13.88 8.94 13.97
C ASP B 138 -12.42 8.66 13.74
N VAL B 139 -11.59 8.74 14.78
CA VAL B 139 -10.13 8.59 14.69
C VAL B 139 -9.63 7.80 15.89
N ALA B 140 -8.69 6.88 15.66
CA ALA B 140 -8.00 6.12 16.71
C ALA B 140 -6.52 6.11 16.30
N VAL B 141 -5.63 6.56 17.20
CA VAL B 141 -4.19 6.59 16.95
C VAL B 141 -3.52 5.56 17.89
N TRP B 142 -2.65 4.69 17.36
CA TRP B 142 -1.92 3.66 18.10
C TRP B 142 -0.43 3.83 17.89
N ALA B 143 0.37 3.68 18.97
CA ALA B 143 1.83 3.77 18.91
C ALA B 143 2.47 2.57 19.59
N LYS B 144 3.54 2.05 18.98
CA LYS B 144 4.28 0.89 19.51
C LYS B 144 5.50 1.40 20.28
N VAL B 145 5.58 1.01 21.55
CA VAL B 145 6.67 1.32 22.48
C VAL B 145 7.20 -0.05 22.93
N GLY B 146 8.39 -0.42 22.47
CA GLY B 146 8.97 -1.74 22.69
C GLY B 146 8.21 -2.76 21.85
N SER B 147 7.50 -3.68 22.52
CA SER B 147 6.68 -4.71 21.87
C SER B 147 5.17 -4.43 22.02
N THR B 148 4.82 -3.39 22.79
CA THR B 148 3.43 -3.07 23.13
C THR B 148 2.79 -1.87 22.41
N TRP B 149 1.58 -2.08 21.88
CA TRP B 149 0.78 -1.04 21.24
C TRP B 149 -0.06 -0.35 22.29
N GLN B 150 -0.16 0.97 22.19
CA GLN B 150 -0.93 1.78 23.12
C GLN B 150 -1.72 2.86 22.39
N PRO B 151 -2.94 3.20 22.86
CA PRO B 151 -3.69 4.30 22.20
C PRO B 151 -3.01 5.64 22.49
N CYS B 152 -3.10 6.58 21.55
CA CYS B 152 -2.53 7.91 21.73
C CYS B 152 -3.64 8.89 21.97
N VAL B 153 -3.30 9.96 22.71
CA VAL B 153 -4.23 11.02 23.08
C VAL B 153 -4.41 11.93 21.89
N ILE B 154 -5.66 12.07 21.41
CA ILE B 154 -5.97 12.99 20.32
C ILE B 154 -6.28 14.34 20.98
N THR B 155 -5.61 15.41 20.53
CA THR B 155 -5.79 16.76 21.10
C THR B 155 -6.53 17.73 20.17
N ALA B 156 -6.55 17.45 18.86
CA ALA B 156 -7.21 18.29 17.85
C ALA B 156 -7.55 17.47 16.63
N ILE B 157 -8.73 17.74 16.06
CA ILE B 157 -9.26 17.14 14.82
C ILE B 157 -9.80 18.26 13.96
N ASN B 158 -9.17 18.48 12.81
CA ASN B 158 -9.65 19.49 11.87
C ASN B 158 -10.25 18.76 10.65
N TYR B 159 -11.59 18.67 10.59
CA TYR B 159 -12.30 17.98 9.51
C TYR B 159 -12.24 18.74 8.19
N SER B 160 -12.06 20.06 8.25
CA SER B 160 -11.96 20.92 7.06
C SER B 160 -10.64 20.63 6.29
N THR B 161 -9.50 20.46 6.99
CA THR B 161 -8.20 20.21 6.34
C THR B 161 -7.76 18.73 6.37
N GLY B 162 -8.30 17.92 7.30
CA GLY B 162 -7.90 16.51 7.45
C GLY B 162 -6.77 16.33 8.45
N ASP B 163 -6.29 17.43 9.08
CA ASP B 163 -5.23 17.39 10.09
C ASP B 163 -5.75 16.92 11.43
N VAL B 164 -5.03 15.97 12.01
CA VAL B 164 -5.28 15.43 13.34
C VAL B 164 -4.00 15.60 14.12
N THR B 165 -4.12 16.13 15.36
CA THR B 165 -2.98 16.29 16.26
C THR B 165 -3.17 15.33 17.43
N PHE B 166 -2.11 14.58 17.75
CA PHE B 166 -2.10 13.64 18.84
C PHE B 166 -0.76 13.72 19.57
N THR B 167 -0.70 13.22 20.80
CA THR B 167 0.55 13.25 21.54
C THR B 167 1.27 11.96 21.29
N GLU B 168 2.42 12.04 20.66
CA GLU B 168 3.23 10.87 20.39
C GLU B 168 3.99 10.51 21.70
N PRO B 169 3.89 9.26 22.21
CA PRO B 169 4.63 8.94 23.44
C PRO B 169 6.12 8.82 23.19
N ALA B 170 6.92 8.88 24.26
CA ALA B 170 8.37 8.76 24.22
C ALA B 170 8.77 7.35 23.74
N GLY B 171 9.91 7.28 23.05
CA GLY B 171 10.48 6.02 22.60
C GLY B 171 9.75 5.20 21.55
N VAL B 172 9.08 5.86 20.58
CA VAL B 172 8.47 5.12 19.47
C VAL B 172 9.63 5.05 18.46
N THR B 173 10.25 3.87 18.32
CA THR B 173 11.42 3.68 17.45
C THR B 173 11.12 3.17 16.05
N ALA B 174 10.07 2.36 15.88
CA ALA B 174 9.75 1.74 14.60
C ALA B 174 9.34 2.71 13.50
N SER B 175 9.81 2.44 12.28
CA SER B 175 9.52 3.19 11.06
C SER B 175 8.04 3.11 10.69
N ASP B 176 7.34 2.09 11.22
CA ASP B 176 5.90 1.88 11.01
C ASP B 176 5.17 1.78 12.39
N GLY B 177 5.76 2.42 13.41
CA GLY B 177 5.33 2.40 14.80
C GLY B 177 4.09 3.18 15.18
N ILE B 178 3.53 3.98 14.24
CA ILE B 178 2.32 4.75 14.53
C ILE B 178 1.27 4.45 13.45
N GLU B 179 0.15 3.89 13.88
CA GLU B 179 -0.97 3.55 13.00
C GLU B 179 -2.16 4.42 13.35
N ILE B 180 -2.75 5.03 12.32
CA ILE B 180 -3.93 5.87 12.49
C ILE B 180 -5.06 5.25 11.71
N TYR B 181 -6.19 4.99 12.38
CA TYR B 181 -7.40 4.43 11.77
C TYR B 181 -8.48 5.48 11.82
N TYR B 182 -9.10 5.78 10.68
CA TYR B 182 -10.07 6.88 10.64
C TYR B 182 -11.21 6.67 9.68
N VAL B 183 -12.38 7.22 10.04
CA VAL B 183 -13.55 7.18 9.17
C VAL B 183 -13.30 8.12 7.98
N HIS B 184 -13.46 7.61 6.75
CA HIS B 184 -13.14 8.36 5.54
C HIS B 184 -14.26 8.33 4.52
N GLY B 185 -14.20 9.23 3.52
CA GLY B 185 -15.23 9.28 2.49
C GLY B 185 -14.77 8.95 1.08
N ASP B 186 -13.69 8.17 0.95
CA ASP B 186 -13.12 7.78 -0.36
C ASP B 186 -13.68 6.45 -0.89
N GLY B 187 -14.55 6.54 -1.90
CA GLY B 187 -15.10 5.40 -2.60
C GLY B 187 -16.36 4.79 -2.03
N GLN B 188 -16.44 3.47 -2.14
CA GLN B 188 -17.63 2.73 -1.77
C GLN B 188 -17.33 1.31 -1.29
N PHE B 189 -18.36 0.64 -0.79
CA PHE B 189 -18.23 -0.74 -0.35
C PHE B 189 -19.49 -1.47 -0.77
N ARG B 190 -19.44 -2.80 -0.78
CA ARG B 190 -20.59 -3.63 -1.05
C ARG B 190 -20.55 -4.90 -0.22
N LEU B 191 -21.74 -5.47 0.05
CA LEU B 191 -21.87 -6.76 0.73
C LEU B 191 -22.39 -7.75 -0.31
N ARG B 192 -21.71 -8.90 -0.39
CA ARG B 192 -22.01 -9.93 -1.37
C ARG B 192 -22.25 -11.28 -0.69
N VAL B 193 -23.14 -12.11 -1.26
CA VAL B 193 -23.41 -13.46 -0.76
C VAL B 193 -22.71 -14.46 -1.71
N ALA B 194 -21.70 -15.18 -1.19
CA ALA B 194 -20.93 -16.16 -1.97
C ALA B 194 -21.24 -17.57 -1.50
N ARG B 195 -21.25 -18.53 -2.43
CA ARG B 195 -21.56 -19.94 -2.14
C ARG B 195 -20.43 -20.91 -2.48
N ASP B 196 -20.17 -21.13 -3.80
CA ASP B 196 -19.16 -22.05 -4.36
C ASP B 196 -19.36 -23.50 -3.90
N ALA B 204 -20.97 -13.85 -4.93
CA ALA B 204 -21.35 -13.52 -6.30
C ALA B 204 -22.49 -12.50 -6.39
N ALA B 205 -23.50 -12.56 -5.51
CA ALA B 205 -24.61 -11.61 -5.58
C ALA B 205 -24.47 -10.44 -4.63
N THR B 206 -24.54 -9.20 -5.15
CA THR B 206 -24.48 -7.97 -4.37
C THR B 206 -25.83 -7.77 -3.67
N VAL B 207 -25.82 -7.62 -2.35
CA VAL B 207 -27.02 -7.46 -1.54
C VAL B 207 -27.12 -6.11 -0.84
N PHE B 208 -26.02 -5.34 -0.83
CA PHE B 208 -25.95 -4.00 -0.23
C PHE B 208 -24.78 -3.27 -0.86
N ASN B 209 -24.95 -1.97 -1.15
CA ASN B 209 -23.90 -1.16 -1.78
C ASN B 209 -24.16 0.32 -1.46
N GLN B 210 -23.17 0.99 -0.89
CA GLN B 210 -23.26 2.40 -0.56
C GLN B 210 -21.91 3.04 -0.72
N SER B 211 -21.89 4.34 -0.95
CA SER B 211 -20.62 5.07 -0.95
C SER B 211 -20.28 5.29 0.54
N PHE B 212 -19.00 5.44 0.87
CA PHE B 212 -18.55 5.72 2.23
C PHE B 212 -19.09 7.05 2.76
N SER B 213 -19.10 8.12 1.90
CA SER B 213 -19.60 9.44 2.31
C SER B 213 -21.05 9.41 2.78
N THR B 214 -21.91 8.61 2.11
CA THR B 214 -23.32 8.46 2.48
C THR B 214 -23.49 7.58 3.70
N MET B 215 -22.88 6.36 3.70
CA MET B 215 -22.97 5.44 4.84
C MET B 215 -22.52 6.09 6.17
N HIS B 216 -21.42 6.83 6.11
CA HIS B 216 -20.81 7.49 7.26
C HIS B 216 -21.51 8.79 7.69
N SER B 217 -22.62 9.16 7.03
CA SER B 217 -23.45 10.35 7.31
C SER B 217 -24.87 10.05 7.90
N VAL B 218 -25.20 8.75 8.16
CA VAL B 218 -26.49 8.21 8.64
C VAL B 218 -27.30 8.99 9.74
N ASP B 219 -26.89 8.90 11.04
CA ASP B 219 -27.58 9.48 12.21
C ASP B 219 -28.87 8.71 12.62
N GLN B 220 -29.99 9.46 12.84
CA GLN B 220 -31.32 8.96 13.25
C GLN B 220 -32.42 9.67 12.46
N ASN B 221 -32.14 10.94 12.03
CA ASN B 221 -32.99 11.88 11.28
C ASN B 221 -34.10 11.29 10.41
N ASN B 222 -33.75 10.59 9.28
CA ASN B 222 -34.67 9.95 8.32
C ASN B 222 -35.55 10.97 7.53
N VAL B 223 -36.24 10.59 6.41
CA VAL B 223 -36.32 9.28 5.74
C VAL B 223 -35.93 9.48 4.26
N GLU B 224 -34.73 10.08 4.05
CA GLU B 224 -34.18 10.39 2.73
C GLU B 224 -32.63 10.28 2.54
N THR B 225 -31.71 10.54 3.54
CA THR B 225 -31.69 10.85 5.00
C THR B 225 -31.70 9.65 5.98
N MET B 226 -31.81 8.42 5.44
CA MET B 226 -31.78 7.12 6.14
C MET B 226 -31.51 6.01 5.12
N ILE B 227 -30.75 4.97 5.51
CA ILE B 227 -30.42 3.89 4.58
C ILE B 227 -31.09 2.57 4.96
N ALA B 228 -31.83 1.98 4.01
CA ALA B 228 -32.51 0.71 4.21
C ALA B 228 -31.86 -0.42 3.41
N TRP B 229 -31.83 -1.62 4.01
CA TRP B 229 -31.34 -2.85 3.39
C TRP B 229 -32.35 -3.17 2.25
N PRO B 230 -31.92 -3.29 0.97
CA PRO B 230 -32.92 -3.45 -0.11
C PRO B 230 -33.87 -4.66 -0.15
N GLN B 231 -33.33 -5.88 -0.13
CA GLN B 231 -34.13 -7.11 -0.27
C GLN B 231 -33.86 -8.12 0.83
N GLN B 232 -34.77 -9.09 0.99
CA GLN B 232 -34.62 -10.17 1.97
C GLN B 232 -33.42 -11.03 1.59
N VAL B 233 -32.58 -11.36 2.57
CA VAL B 233 -31.37 -12.13 2.33
C VAL B 233 -31.29 -13.31 3.28
N GLU B 234 -30.98 -14.49 2.72
CA GLU B 234 -30.83 -15.75 3.45
C GLU B 234 -29.37 -16.11 3.55
N LEU B 235 -28.88 -16.35 4.77
CA LEU B 235 -27.50 -16.77 4.99
C LEU B 235 -27.56 -18.15 5.64
N VAL B 236 -27.44 -19.18 4.81
CA VAL B 236 -27.54 -20.59 5.20
C VAL B 236 -26.13 -21.21 5.35
N PRO B 237 -25.97 -22.42 5.96
CA PRO B 237 -24.61 -23.01 6.04
C PRO B 237 -23.95 -23.15 4.66
N GLY B 238 -22.68 -22.79 4.57
CA GLY B 238 -21.97 -22.82 3.32
C GLY B 238 -21.90 -21.47 2.59
N THR B 239 -22.71 -20.48 3.05
CA THR B 239 -22.70 -19.14 2.45
C THR B 239 -21.76 -18.23 3.22
N ARG B 240 -21.20 -17.24 2.53
CA ARG B 240 -20.30 -16.25 3.12
C ARG B 240 -20.86 -14.87 2.79
N LEU B 241 -20.97 -13.99 3.81
CA LEU B 241 -21.35 -12.59 3.59
C LEU B 241 -19.99 -11.84 3.48
N VAL B 242 -19.62 -11.47 2.25
CA VAL B 242 -18.33 -10.86 1.94
C VAL B 242 -18.37 -9.33 1.85
N LEU B 243 -17.48 -8.66 2.61
CA LEU B 243 -17.35 -7.20 2.59
C LEU B 243 -16.26 -6.82 1.57
N GLU B 244 -16.68 -6.18 0.47
CA GLU B 244 -15.72 -5.71 -0.54
C GLU B 244 -15.65 -4.21 -0.49
N VAL B 245 -14.44 -3.65 -0.62
CA VAL B 245 -14.26 -2.20 -0.59
C VAL B 245 -13.58 -1.72 -1.86
N PHE B 246 -13.90 -0.48 -2.23
CA PHE B 246 -13.34 0.20 -3.41
C PHE B 246 -12.91 1.56 -2.95
N THR B 247 -11.60 1.79 -2.88
CA THR B 247 -11.06 3.12 -2.56
C THR B 247 -9.94 3.42 -3.55
N THR B 248 -9.62 4.69 -3.74
CA THR B 248 -8.59 5.10 -4.69
C THR B 248 -7.31 5.53 -3.99
N GLN B 249 -7.45 6.19 -2.84
CA GLN B 249 -6.28 6.76 -2.17
C GLN B 249 -6.13 6.31 -0.73
N VAL B 250 -7.19 5.75 -0.15
CA VAL B 250 -7.18 5.40 1.28
C VAL B 250 -7.04 3.90 1.50
N PRO B 251 -5.85 3.44 2.00
CA PRO B 251 -5.70 2.01 2.30
C PRO B 251 -6.64 1.56 3.41
N MET B 252 -7.16 0.33 3.26
CA MET B 252 -8.04 -0.29 4.22
C MET B 252 -7.52 -1.67 4.55
N VAL B 253 -7.40 -1.91 5.86
CA VAL B 253 -6.94 -3.16 6.44
C VAL B 253 -7.96 -3.52 7.51
N TRP B 254 -8.07 -4.81 7.80
CA TRP B 254 -8.94 -5.32 8.85
C TRP B 254 -8.02 -6.08 9.81
N ASN B 255 -7.82 -5.55 11.01
CA ASN B 255 -6.96 -6.17 12.04
C ASN B 255 -7.51 -5.88 13.44
N GLU B 256 -6.73 -6.16 14.50
CA GLU B 256 -7.11 -5.98 15.91
C GLU B 256 -7.23 -4.52 16.36
N ARG B 257 -6.56 -3.59 15.66
CA ARG B 257 -6.54 -2.16 16.02
C ARG B 257 -7.42 -1.29 15.12
N SER B 258 -7.92 -1.84 13.99
CA SER B 258 -8.68 -1.06 12.99
C SER B 258 -9.99 -0.43 13.43
N GLY B 259 -10.70 -1.06 14.37
CA GLY B 259 -11.93 -0.55 14.97
C GLY B 259 -13.08 -0.30 14.02
N HIS B 260 -13.24 -1.17 12.98
CA HIS B 260 -14.37 -1.12 12.06
C HIS B 260 -15.64 -1.42 12.86
N TYR B 261 -16.76 -0.80 12.46
CA TYR B 261 -18.02 -0.99 13.16
C TYR B 261 -19.11 -1.41 12.18
N ILE B 262 -19.71 -2.58 12.44
CA ILE B 262 -20.81 -3.11 11.67
C ILE B 262 -21.88 -3.60 12.64
N GLN B 263 -23.14 -3.22 12.41
CA GLN B 263 -24.27 -3.69 13.21
C GLN B 263 -25.52 -3.75 12.33
N ILE B 264 -25.94 -4.98 11.97
CA ILE B 264 -27.10 -5.24 11.12
C ILE B 264 -28.11 -6.13 11.87
N ALA B 265 -29.37 -5.65 12.02
CA ALA B 265 -30.43 -6.44 12.65
C ALA B 265 -30.78 -7.61 11.77
N ALA B 266 -30.90 -8.79 12.38
CA ALA B 266 -31.21 -10.02 11.67
C ALA B 266 -32.00 -10.98 12.57
N MET B 267 -32.37 -12.12 12.00
CA MET B 267 -33.07 -13.24 12.60
C MET B 267 -32.17 -14.45 12.41
N GLY B 268 -32.05 -15.26 13.46
CA GLY B 268 -31.25 -16.48 13.46
C GLY B 268 -31.99 -17.68 14.00
N ARG B 269 -31.67 -18.87 13.46
CA ARG B 269 -32.22 -20.15 13.89
C ARG B 269 -31.22 -21.27 13.69
N ARG B 270 -31.27 -22.27 14.59
CA ARG B 270 -30.40 -23.44 14.54
C ARG B 270 -30.87 -24.39 13.43
N ILE B 271 -29.91 -24.97 12.70
CA ILE B 271 -30.13 -25.94 11.62
C ILE B 271 -29.20 -27.14 11.88
N GLU B 272 -29.74 -28.38 11.90
CA GLU B 272 -28.92 -29.57 12.15
C GLU B 272 -29.07 -30.69 11.13
N VAL B 273 -27.95 -31.43 10.90
CA VAL B 273 -27.77 -32.60 10.02
C VAL B 273 -28.53 -32.52 8.69
N UNK C 1 26.36 -13.97 -26.87
CA UNK C 1 25.00 -13.72 -27.33
C UNK C 1 24.03 -14.84 -26.87
N UNK C 2 22.83 -14.51 -26.32
CA UNK C 2 22.29 -13.16 -26.05
C UNK C 2 21.25 -13.19 -24.94
N UNK C 3 20.05 -13.76 -25.21
CA UNK C 3 18.91 -13.81 -24.30
C UNK C 3 18.76 -15.12 -23.54
N UNK C 4 18.39 -15.00 -22.25
CA UNK C 4 18.14 -16.14 -21.35
C UNK C 4 16.70 -16.66 -21.56
N UNK C 5 16.52 -17.97 -21.49
CA UNK C 5 15.23 -18.64 -21.69
C UNK C 5 14.92 -19.53 -20.46
N UNK C 6 13.65 -19.90 -20.18
CA UNK C 6 12.37 -19.62 -20.86
C UNK C 6 11.19 -19.41 -19.88
N UNK C 7 11.01 -20.23 -18.79
CA UNK C 7 11.82 -21.35 -18.31
C UNK C 7 11.36 -22.72 -18.84
N UNK C 8 10.10 -23.13 -18.54
CA UNK C 8 9.44 -24.38 -18.94
C UNK C 8 10.26 -25.65 -18.71
N UNK D 1 12.88 -28.48 -22.91
CA UNK D 1 11.95 -27.59 -23.59
C UNK D 1 11.29 -26.57 -22.62
N UNK D 2 11.23 -25.23 -22.90
CA UNK D 2 11.70 -24.34 -24.00
C UNK D 2 10.66 -23.52 -24.75
N UNK D 3 10.84 -22.18 -24.73
CA UNK D 3 10.03 -21.21 -25.46
C UNK D 3 11.00 -20.53 -26.45
N UNK D 4 12.04 -19.84 -25.90
CA UNK D 4 13.16 -19.18 -26.59
C UNK D 4 12.91 -18.14 -27.69
N UNK D 5 13.88 -17.21 -27.84
CA UNK D 5 13.91 -16.11 -28.81
C UNK D 5 15.36 -15.88 -29.32
N UNK D 6 15.59 -15.43 -30.59
CA UNK D 6 14.66 -15.08 -31.68
C UNK D 6 15.33 -15.29 -33.07
N UNK D 7 14.59 -15.71 -34.12
CA UNK D 7 13.16 -16.02 -34.13
C UNK D 7 12.92 -17.51 -34.42
N UNK D 8 11.66 -17.91 -34.71
CA UNK D 8 11.26 -19.28 -35.01
C UNK D 8 10.17 -19.32 -36.08
#